data_8CTZ
#
_entry.id   8CTZ
#
_cell.length_a   59.506
_cell.length_b   66.492
_cell.length_c   69.182
_cell.angle_alpha   90.000
_cell.angle_beta   107.970
_cell.angle_gamma   90.000
#
_symmetry.space_group_name_H-M   'P 1 21 1'
#
loop_
_entity.id
_entity.type
_entity.pdbx_description
1 polymer 'Ribonuclease H'
2 polymer "DNA (5'-D(*CP*GP*CP*(6OG)P*AP*AP*TP*TP*(OWR)P*GP*CP*G)-3')"
3 non-polymer GLYCEROL
4 non-polymer 1,2-ETHANEDIOL
5 non-polymer 'ACETATE ION'
6 non-polymer 'SODIUM ION'
7 non-polymer 'POTASSIUM ION'
8 water water
#
loop_
_entity_poly.entity_id
_entity_poly.type
_entity_poly.pdbx_seq_one_letter_code
_entity_poly.pdbx_strand_id
1 'polypeptide(L)'
;GSHMAKEEIIWESLSVDVGSQGNPGIVEYKGVDTKTGEVLFEREPIPIGTNNMGEFLAIVHGLRYLKERNSRKPIYSNSQ
TAIKWVKDKKAKSTLVRNEETALIWKLVDEAEEWLNTHTYETPILKWQTDKWGEIKADYGRK
;
A,B,C
2 'polydeoxyribonucleotide' (DC)(DG)(DC)(6OG)(DA)(DA)(DT)(DT)(OWR)(DG)(DC)(DG) D,E
#
loop_
_chem_comp.id
_chem_comp.type
_chem_comp.name
_chem_comp.formula
6OG DNA linking '6-O-METHYL GUANOSINE-5'-MONOPHOSPHATE' 'C11 H16 N5 O7 P'
ACT non-polymer 'ACETATE ION' 'C2 H3 O2 -1'
DA DNA linking 2'-DEOXYADENOSINE-5'-MONOPHOSPHATE 'C10 H14 N5 O6 P'
DC DNA linking 2'-DEOXYCYTIDINE-5'-MONOPHOSPHATE 'C9 H14 N3 O7 P'
DG DNA linking 2'-DEOXYGUANOSINE-5'-MONOPHOSPHATE 'C10 H14 N5 O7 P'
DT DNA linking THYMIDINE-5'-MONOPHOSPHATE 'C10 H15 N2 O8 P'
EDO non-polymer 1,2-ETHANEDIOL 'C2 H6 O2'
GOL non-polymer GLYCEROL 'C3 H8 O3'
K non-polymer 'POTASSIUM ION' 'K 1'
NA non-polymer 'SODIUM ION' 'Na 1'
OWR DNA linking 1-[2-deoxy-5-O-(dihydroxyphosphanyl)-beta-D-erythro-pentofuranosyl]-1H-naphtho[2,3-d]imidazole 'C16 H17 N2 O6 P'
#
# COMPACT_ATOMS: atom_id res chain seq x y z
N GLU A 8 10.11 -8.36 14.92
CA GLU A 8 10.03 -8.96 13.58
C GLU A 8 8.96 -10.04 13.49
N ILE A 9 8.30 -10.38 14.59
CA ILE A 9 7.19 -11.32 14.57
C ILE A 9 5.97 -10.63 15.16
N ILE A 10 4.94 -10.46 14.34
CA ILE A 10 3.66 -9.96 14.80
C ILE A 10 2.93 -11.13 15.45
N TRP A 11 2.95 -11.18 16.78
CA TRP A 11 2.41 -12.36 17.46
C TRP A 11 0.88 -12.38 17.42
N GLU A 12 0.23 -11.22 17.51
CA GLU A 12 -1.22 -11.17 17.38
C GLU A 12 -1.54 -11.17 15.90
N SER A 13 -1.60 -12.36 15.35
CA SER A 13 -1.76 -12.55 13.91
C SER A 13 -2.36 -13.92 13.69
N LEU A 14 -2.57 -14.25 12.42
CA LEU A 14 -3.13 -15.55 12.03
C LEU A 14 -2.10 -16.27 11.17
N SER A 15 -2.02 -17.59 11.33
CA SER A 15 -1.06 -18.38 10.56
C SER A 15 -1.78 -19.56 9.94
N VAL A 16 -1.49 -19.82 8.66
CA VAL A 16 -2.09 -20.93 7.93
C VAL A 16 -0.98 -21.86 7.48
N ASP A 17 -1.36 -23.10 7.19
CA ASP A 17 -0.42 -24.05 6.61
C ASP A 17 -1.24 -25.15 5.96
N VAL A 18 -0.57 -25.91 5.12
CA VAL A 18 -1.21 -26.97 4.34
C VAL A 18 -0.63 -28.30 4.81
N GLY A 19 -1.47 -29.32 4.81
CA GLY A 19 -1.01 -30.70 4.99
C GLY A 19 -1.46 -31.51 3.79
N SER A 20 -0.54 -32.30 3.25
CA SER A 20 -0.89 -33.11 2.08
C SER A 20 -0.26 -34.48 2.16
N GLN A 21 -1.02 -35.48 1.73
CA GLN A 21 -0.51 -36.81 1.45
C GLN A 21 -0.26 -36.83 -0.05
N GLY A 22 0.96 -36.55 -0.44
CA GLY A 22 1.31 -36.46 -1.84
C GLY A 22 1.13 -35.05 -2.38
N ASN A 23 1.79 -34.81 -3.52
CA ASN A 23 1.66 -33.57 -4.26
C ASN A 23 1.89 -33.85 -5.74
N PRO A 24 0.85 -33.77 -6.58
CA PRO A 24 -0.56 -33.56 -6.24
C PRO A 24 -1.14 -34.71 -5.41
N GLY A 25 -2.08 -34.44 -4.52
CA GLY A 25 -2.67 -35.50 -3.71
C GLY A 25 -3.72 -34.94 -2.78
N ILE A 26 -4.02 -35.70 -1.73
CA ILE A 26 -4.94 -35.22 -0.71
C ILE A 26 -4.34 -33.99 -0.05
N VAL A 27 -5.14 -32.94 0.10
CA VAL A 27 -4.65 -31.72 0.75
C VAL A 27 -5.71 -31.18 1.69
N GLU A 28 -5.24 -30.52 2.73
CA GLU A 28 -6.07 -29.84 3.70
C GLU A 28 -5.26 -28.66 4.22
N TYR A 29 -5.91 -27.84 5.03
CA TYR A 29 -5.22 -26.70 5.61
C TYR A 29 -5.92 -26.32 6.90
N LYS A 30 -5.25 -25.48 7.68
CA LYS A 30 -5.87 -24.92 8.85
C LYS A 30 -5.30 -23.53 9.10
N GLY A 31 -6.06 -22.73 9.84
CA GLY A 31 -5.57 -21.47 10.34
C GLY A 31 -5.55 -21.48 11.85
N VAL A 32 -4.43 -21.10 12.45
CA VAL A 32 -4.29 -21.10 13.90
C VAL A 32 -3.95 -19.69 14.33
N ASP A 33 -4.20 -19.41 15.60
CA ASP A 33 -3.72 -18.18 16.21
C ASP A 33 -2.22 -18.28 16.43
N THR A 34 -1.48 -17.27 15.95
CA THR A 34 -0.02 -17.32 15.99
C THR A 34 0.49 -17.32 17.44
N LYS A 35 -0.20 -16.63 18.35
CA LYS A 35 0.26 -16.59 19.73
C LYS A 35 -0.10 -17.87 20.48
N THR A 36 -1.36 -18.33 20.36
CA THR A 36 -1.88 -19.39 21.21
C THR A 36 -1.94 -20.75 20.52
N GLY A 37 -1.73 -20.82 19.20
CA GLY A 37 -1.87 -22.07 18.50
C GLY A 37 -3.30 -22.59 18.45
N GLU A 38 -4.23 -21.79 18.96
CA GLU A 38 -5.63 -22.15 18.90
C GLU A 38 -6.08 -22.27 17.44
N VAL A 39 -6.65 -23.41 17.09
CA VAL A 39 -7.05 -23.69 15.72
C VAL A 39 -8.34 -22.93 15.44
N LEU A 40 -8.28 -21.94 14.54
CA LEU A 40 -9.42 -21.08 14.31
C LEU A 40 -10.30 -21.54 13.16
N PHE A 41 -9.77 -22.29 12.22
CA PHE A 41 -10.59 -22.91 11.18
C PHE A 41 -9.80 -24.02 10.50
N GLU A 42 -10.54 -24.88 9.82
CA GLU A 42 -10.03 -26.13 9.30
C GLU A 42 -10.77 -26.45 8.01
N ARG A 43 -10.07 -27.09 7.10
CA ARG A 43 -10.64 -27.54 5.83
C ARG A 43 -10.53 -29.06 5.74
N GLU A 44 -11.66 -29.72 5.60
CA GLU A 44 -11.68 -31.16 5.43
C GLU A 44 -10.79 -31.60 4.26
N PRO A 45 -10.04 -32.68 4.42
CA PRO A 45 -9.18 -33.18 3.34
C PRO A 45 -9.90 -33.25 2.00
N ILE A 46 -9.25 -32.70 0.98
CA ILE A 46 -9.80 -32.65 -0.37
C ILE A 46 -9.14 -33.74 -1.20
N PRO A 47 -9.91 -34.59 -1.88
CA PRO A 47 -9.33 -35.78 -2.53
C PRO A 47 -8.07 -35.50 -3.34
N ILE A 48 -8.11 -34.60 -4.33
CA ILE A 48 -6.94 -34.33 -5.16
C ILE A 48 -6.76 -32.84 -5.32
N GLY A 49 -5.57 -32.34 -4.95
CA GLY A 49 -5.15 -30.98 -5.28
C GLY A 49 -3.63 -30.89 -5.25
N THR A 50 -3.12 -29.66 -5.25
CA THR A 50 -1.71 -29.41 -5.00
C THR A 50 -1.55 -28.66 -3.69
N ASN A 51 -0.34 -28.70 -3.13
CA ASN A 51 -0.05 -27.90 -1.94
C ASN A 51 -0.31 -26.42 -2.20
N ASN A 52 0.11 -25.92 -3.37
CA ASN A 52 -0.01 -24.49 -3.64
C ASN A 52 -1.47 -24.05 -3.75
N MET A 53 -2.30 -24.85 -4.42
CA MET A 53 -3.73 -24.61 -4.40
C MET A 53 -4.26 -24.58 -2.96
N GLY A 54 -3.80 -25.51 -2.13
CA GLY A 54 -4.24 -25.52 -0.75
C GLY A 54 -3.83 -24.27 0.00
N GLU A 55 -2.57 -23.82 -0.21
CA GLU A 55 -2.10 -22.61 0.47
C GLU A 55 -2.91 -21.40 0.04
N PHE A 56 -3.12 -21.26 -1.28
CA PHE A 56 -3.99 -20.22 -1.84
C PHE A 56 -5.33 -20.19 -1.14
N LEU A 57 -6.01 -21.35 -1.07
CA LEU A 57 -7.32 -21.40 -0.42
C LEU A 57 -7.21 -21.04 1.04
N ALA A 58 -6.12 -21.47 1.69
CA ALA A 58 -5.97 -21.22 3.12
C ALA A 58 -5.81 -19.74 3.40
N ILE A 59 -5.08 -19.04 2.54
CA ILE A 59 -4.95 -17.60 2.73
C ILE A 59 -6.29 -16.91 2.48
N VAL A 60 -7.00 -17.29 1.42
CA VAL A 60 -8.28 -16.64 1.13
C VAL A 60 -9.29 -16.93 2.23
N HIS A 61 -9.35 -18.17 2.73
CA HIS A 61 -10.19 -18.48 3.88
C HIS A 61 -9.84 -17.59 5.06
N GLY A 62 -8.54 -17.46 5.35
CA GLY A 62 -8.13 -16.57 6.43
C GLY A 62 -8.55 -15.14 6.19
N LEU A 63 -8.36 -14.64 4.97
CA LEU A 63 -8.83 -13.30 4.63
C LEU A 63 -10.32 -13.13 4.93
N ARG A 64 -11.14 -14.10 4.52
CA ARG A 64 -12.57 -13.96 4.75
C ARG A 64 -12.91 -14.10 6.22
N TYR A 65 -12.19 -14.97 6.93
CA TYR A 65 -12.37 -15.12 8.36
C TYR A 65 -12.19 -13.80 9.08
N LEU A 66 -11.02 -13.17 8.90
CA LEU A 66 -10.73 -11.90 9.57
C LEU A 66 -11.68 -10.80 9.10
N LYS A 67 -11.97 -10.74 7.78
CA LYS A 67 -12.90 -9.72 7.29
C LYS A 67 -14.26 -9.87 7.95
N GLU A 68 -14.76 -11.10 8.05
CA GLU A 68 -16.02 -11.39 8.72
C GLU A 68 -16.06 -10.84 10.14
N ARG A 69 -14.90 -10.69 10.77
CA ARG A 69 -14.80 -10.28 12.17
C ARG A 69 -14.20 -8.89 12.35
N ASN A 70 -13.99 -8.15 11.26
CA ASN A 70 -13.43 -6.80 11.34
C ASN A 70 -12.11 -6.82 12.11
N SER A 71 -11.18 -7.64 11.65
CA SER A 71 -9.89 -7.80 12.31
C SER A 71 -8.77 -7.38 11.36
N ARG A 72 -7.88 -6.52 11.84
CA ARG A 72 -6.69 -6.14 11.08
C ARG A 72 -5.46 -6.96 11.48
N LYS A 73 -5.66 -8.14 12.08
CA LYS A 73 -4.56 -9.08 12.31
C LYS A 73 -3.97 -9.50 10.97
N PRO A 74 -2.64 -9.49 10.83
CA PRO A 74 -2.02 -10.02 9.61
C PRO A 74 -2.25 -11.52 9.47
N ILE A 75 -1.94 -12.03 8.27
CA ILE A 75 -1.89 -13.45 7.99
C ILE A 75 -0.46 -13.82 7.63
N TYR A 76 0.04 -14.90 8.22
CA TYR A 76 1.35 -15.48 7.91
C TYR A 76 1.17 -16.75 7.11
N SER A 77 1.87 -16.86 5.99
CA SER A 77 2.04 -18.10 5.27
C SER A 77 3.52 -18.23 4.93
N ASN A 78 4.01 -19.46 4.80
CA ASN A 78 5.39 -19.65 4.40
C ASN A 78 5.53 -20.04 2.94
N SER A 79 4.44 -19.96 2.18
CA SER A 79 4.45 -20.20 0.73
C SER A 79 4.54 -18.84 0.03
N GLN A 80 5.71 -18.54 -0.54
CA GLN A 80 5.81 -17.30 -1.31
C GLN A 80 4.95 -17.38 -2.56
N THR A 81 4.87 -18.55 -3.18
CA THR A 81 4.00 -18.71 -4.34
C THR A 81 2.56 -18.31 -3.99
N ALA A 82 1.98 -18.96 -2.99
CA ALA A 82 0.56 -18.71 -2.70
C ALA A 82 0.31 -17.26 -2.35
N ILE A 83 1.24 -16.62 -1.62
CA ILE A 83 1.12 -15.21 -1.32
C ILE A 83 0.99 -14.41 -2.61
N LYS A 84 1.96 -14.58 -3.52
CA LYS A 84 1.94 -13.84 -4.77
C LYS A 84 0.65 -14.09 -5.52
N TRP A 85 0.20 -15.35 -5.55
CA TRP A 85 -1.06 -15.72 -6.21
C TRP A 85 -2.23 -14.92 -5.65
N VAL A 86 -2.28 -14.78 -4.34
CA VAL A 86 -3.37 -14.04 -3.72
C VAL A 86 -3.28 -12.57 -4.08
N LYS A 87 -2.10 -11.98 -3.88
CA LYS A 87 -1.89 -10.59 -4.27
C LYS A 87 -2.22 -10.36 -5.74
N ASP A 88 -2.04 -11.38 -6.56
CA ASP A 88 -2.35 -11.31 -7.98
C ASP A 88 -3.80 -11.68 -8.32
N LYS A 89 -4.61 -12.03 -7.31
CA LYS A 89 -5.97 -12.53 -7.53
C LYS A 89 -6.00 -13.63 -8.60
N LYS A 90 -4.91 -14.41 -8.69
CA LYS A 90 -4.80 -15.42 -9.73
C LYS A 90 -3.97 -16.59 -9.24
N ALA A 91 -4.53 -17.78 -9.35
CA ALA A 91 -3.87 -19.01 -8.96
C ALA A 91 -3.27 -19.65 -10.21
N LYS A 92 -1.96 -19.53 -10.35
CA LYS A 92 -1.27 -19.93 -11.58
C LYS A 92 -0.87 -21.40 -11.55
N SER A 93 -1.80 -22.25 -11.12
CA SER A 93 -1.53 -23.66 -10.94
C SER A 93 -1.43 -24.37 -12.29
N THR A 94 -0.72 -25.51 -12.30
CA THR A 94 -0.63 -26.34 -13.49
C THR A 94 -1.38 -27.66 -13.33
N LEU A 95 -2.23 -27.79 -12.34
CA LEU A 95 -3.03 -29.01 -12.19
C LEU A 95 -4.04 -29.11 -13.34
N VAL A 96 -4.08 -30.27 -13.99
CA VAL A 96 -5.05 -30.49 -15.06
C VAL A 96 -6.45 -30.25 -14.52
N ARG A 97 -7.31 -29.69 -15.37
CA ARG A 97 -8.73 -29.56 -15.05
C ARG A 97 -9.44 -30.75 -15.65
N ASN A 98 -9.86 -31.68 -14.80
CA ASN A 98 -10.69 -32.80 -15.20
C ASN A 98 -11.70 -33.08 -14.08
N GLU A 99 -12.36 -34.23 -14.16
CA GLU A 99 -13.41 -34.52 -13.19
C GLU A 99 -12.81 -34.86 -11.83
N GLU A 100 -11.69 -35.57 -11.80
CA GLU A 100 -11.07 -35.90 -10.52
C GLU A 100 -10.56 -34.65 -9.80
N THR A 101 -10.25 -33.59 -10.54
CA THR A 101 -9.76 -32.34 -9.95
C THR A 101 -10.83 -31.24 -9.93
N ALA A 102 -12.08 -31.56 -10.25
CA ALA A 102 -13.13 -30.54 -10.37
C ALA A 102 -13.34 -29.79 -9.06
N LEU A 103 -13.40 -30.53 -7.94
CA LEU A 103 -13.67 -29.90 -6.66
C LEU A 103 -12.65 -28.80 -6.33
N ILE A 104 -11.37 -29.13 -6.44
CA ILE A 104 -10.32 -28.17 -6.06
C ILE A 104 -10.33 -26.98 -7.01
N TRP A 105 -10.57 -27.22 -8.30
CA TRP A 105 -10.63 -26.13 -9.25
C TRP A 105 -11.83 -25.22 -9.01
N LYS A 106 -12.92 -25.77 -8.48
CA LYS A 106 -14.10 -24.96 -8.23
C LYS A 106 -13.92 -24.06 -7.01
N LEU A 107 -13.37 -24.62 -5.92
CA LEU A 107 -13.04 -23.80 -4.76
C LEU A 107 -12.01 -22.73 -5.12
N VAL A 108 -11.07 -23.04 -6.02
CA VAL A 108 -10.05 -22.07 -6.40
C VAL A 108 -10.67 -20.98 -7.28
N ASP A 109 -11.38 -21.37 -8.33
CA ASP A 109 -12.10 -20.39 -9.14
C ASP A 109 -12.95 -19.47 -8.26
N GLU A 110 -13.59 -20.03 -7.22
CA GLU A 110 -14.46 -19.21 -6.38
C GLU A 110 -13.65 -18.32 -5.45
N ALA A 111 -12.45 -18.77 -5.05
CA ALA A 111 -11.60 -17.93 -4.22
C ALA A 111 -11.07 -16.75 -5.01
N GLU A 112 -10.66 -16.96 -6.26
CA GLU A 112 -10.33 -15.83 -7.12
C GLU A 112 -11.53 -14.89 -7.26
N GLU A 113 -12.70 -15.46 -7.57
CA GLU A 113 -13.90 -14.64 -7.71
C GLU A 113 -14.16 -13.81 -6.46
N TRP A 114 -13.95 -14.42 -5.29
CA TRP A 114 -14.13 -13.65 -4.05
C TRP A 114 -13.14 -12.50 -3.98
N LEU A 115 -11.91 -12.72 -4.42
CA LEU A 115 -10.90 -11.67 -4.35
C LEU A 115 -11.22 -10.53 -5.31
N ASN A 116 -11.66 -10.88 -6.52
CA ASN A 116 -12.05 -9.88 -7.51
C ASN A 116 -13.18 -8.98 -7.02
N THR A 117 -14.06 -9.47 -6.14
CA THR A 117 -15.28 -8.73 -5.81
C THR A 117 -15.33 -8.23 -4.38
N HIS A 118 -14.22 -8.23 -3.66
CA HIS A 118 -14.22 -7.69 -2.32
C HIS A 118 -12.97 -6.85 -2.11
N THR A 119 -13.03 -6.00 -1.11
CA THR A 119 -11.84 -5.33 -0.62
C THR A 119 -11.52 -5.85 0.77
N TYR A 120 -10.23 -5.84 1.09
CA TYR A 120 -9.72 -6.41 2.32
C TYR A 120 -8.44 -5.69 2.68
N GLU A 121 -8.17 -5.56 3.98
CA GLU A 121 -7.03 -4.79 4.45
C GLU A 121 -5.98 -5.61 5.17
N THR A 122 -6.16 -6.92 5.28
CA THR A 122 -5.21 -7.75 6.00
C THR A 122 -3.84 -7.69 5.34
N PRO A 123 -2.79 -7.29 6.07
CA PRO A 123 -1.44 -7.52 5.55
C PRO A 123 -1.19 -9.02 5.47
N ILE A 124 -0.64 -9.46 4.34
CA ILE A 124 -0.28 -10.86 4.12
C ILE A 124 1.23 -10.95 4.20
N LEU A 125 1.75 -11.60 5.23
CA LEU A 125 3.17 -11.62 5.54
C LEU A 125 3.78 -13.00 5.30
N LYS A 126 5.01 -13.00 4.82
CA LYS A 126 5.79 -14.22 4.67
C LYS A 126 6.34 -14.66 6.03
N TRP A 127 6.01 -15.90 6.44
CA TRP A 127 6.67 -16.53 7.57
C TRP A 127 8.11 -16.93 7.20
N GLN A 128 9.07 -16.61 8.06
CA GLN A 128 10.49 -16.86 7.76
C GLN A 128 10.94 -18.10 8.52
N THR A 129 10.67 -19.26 7.93
CA THR A 129 10.91 -20.53 8.60
C THR A 129 12.38 -20.67 9.01
N ASP A 130 13.31 -20.21 8.17
CA ASP A 130 14.73 -20.32 8.47
C ASP A 130 15.11 -19.50 9.69
N LYS A 131 14.34 -18.47 10.01
CA LYS A 131 14.69 -17.59 11.11
C LYS A 131 13.86 -17.82 12.34
N TRP A 132 12.56 -18.09 12.18
CA TRP A 132 11.65 -18.10 13.32
C TRP A 132 11.20 -19.50 13.68
N GLY A 133 11.68 -20.51 12.98
CA GLY A 133 11.21 -21.85 13.22
C GLY A 133 9.91 -22.13 12.49
N GLU A 134 9.26 -23.20 12.91
CA GLU A 134 8.13 -23.71 12.17
C GLU A 134 6.94 -22.79 12.32
N ILE A 135 6.16 -22.67 11.24
CA ILE A 135 4.91 -21.95 11.33
C ILE A 135 3.98 -22.70 12.26
N LYS A 136 3.17 -21.95 13.01
CA LYS A 136 2.40 -22.54 14.10
C LYS A 136 1.27 -23.44 13.61
N ALA A 137 0.83 -23.30 12.37
CA ALA A 137 -0.19 -24.16 11.78
C ALA A 137 0.40 -25.43 11.15
N ASP A 138 1.71 -25.62 11.25
CA ASP A 138 2.38 -26.86 10.84
C ASP A 138 1.55 -28.08 11.21
N TYR A 139 1.37 -28.98 10.24
CA TYR A 139 0.84 -30.30 10.55
C TYR A 139 1.97 -31.20 11.04
N GLY A 140 1.61 -32.22 11.80
CA GLY A 140 2.55 -33.14 12.43
C GLY A 140 3.98 -33.27 11.94
N GLU B 8 22.65 17.78 26.42
CA GLU B 8 21.93 18.97 26.02
C GLU B 8 20.65 18.64 25.24
N ILE B 9 19.65 18.04 25.89
CA ILE B 9 18.37 17.83 25.22
C ILE B 9 17.60 19.16 25.16
N ILE B 10 17.14 19.48 23.96
CA ILE B 10 16.16 20.54 23.79
C ILE B 10 14.77 19.88 23.78
N TRP B 11 13.97 20.15 24.81
CA TRP B 11 12.67 19.52 24.98
C TRP B 11 11.63 20.07 24.00
N GLU B 12 11.70 21.37 23.69
CA GLU B 12 10.82 22.01 22.72
C GLU B 12 11.30 21.65 21.32
N SER B 13 11.14 20.39 20.96
CA SER B 13 11.65 19.94 19.69
C SER B 13 10.77 18.83 19.18
N LEU B 14 11.08 18.37 17.99
CA LEU B 14 10.45 17.23 17.36
C LEU B 14 11.49 16.14 17.21
N SER B 15 11.06 14.90 17.39
CA SER B 15 11.91 13.74 17.20
C SER B 15 11.23 12.79 16.22
N VAL B 16 12.00 12.19 15.33
CA VAL B 16 11.48 11.22 14.38
C VAL B 16 12.02 9.84 14.73
N ASP B 17 11.18 8.83 14.55
CA ASP B 17 11.51 7.45 14.89
C ASP B 17 10.98 6.59 13.75
N VAL B 18 11.83 5.78 13.15
CA VAL B 18 11.40 4.90 12.08
C VAL B 18 11.48 3.46 12.55
N GLY B 19 10.52 2.65 12.12
CA GLY B 19 10.54 1.22 12.34
C GLY B 19 10.75 0.53 11.00
N SER B 20 11.42 -0.62 11.03
CA SER B 20 11.74 -1.36 9.82
C SER B 20 11.58 -2.84 10.11
N GLN B 21 10.65 -3.48 9.39
CA GLN B 21 10.52 -4.95 9.43
C GLN B 21 11.53 -5.55 8.47
N GLY B 22 12.76 -5.70 8.96
CA GLY B 22 13.84 -6.09 8.09
C GLY B 22 14.32 -4.94 7.21
N ASN B 23 15.53 -5.03 6.71
CA ASN B 23 16.12 -3.96 5.92
C ASN B 23 16.87 -4.59 4.75
N PRO B 24 16.34 -4.49 3.52
CA PRO B 24 15.12 -3.79 3.11
C PRO B 24 13.86 -4.43 3.66
N GLY B 25 12.74 -3.72 3.62
CA GLY B 25 11.52 -4.27 4.19
C GLY B 25 10.50 -3.17 4.40
N ILE B 26 9.46 -3.52 5.18
CA ILE B 26 8.37 -2.61 5.45
C ILE B 26 8.88 -1.50 6.36
N VAL B 27 8.61 -0.25 5.99
CA VAL B 27 9.13 0.90 6.72
C VAL B 27 7.95 1.76 7.17
N GLU B 28 8.05 2.30 8.38
CA GLU B 28 7.13 3.31 8.84
C GLU B 28 7.91 4.32 9.66
N TYR B 29 7.27 5.43 10.01
CA TYR B 29 7.90 6.40 10.90
C TYR B 29 6.82 7.26 11.53
N LYS B 30 7.21 7.94 12.60
CA LYS B 30 6.37 8.92 13.28
C LYS B 30 7.21 10.13 13.67
N GLY B 31 6.54 11.26 13.84
CA GLY B 31 7.12 12.42 14.46
C GLY B 31 6.45 12.63 15.84
N VAL B 32 7.28 12.81 16.85
CA VAL B 32 6.77 12.95 18.21
C VAL B 32 7.33 14.21 18.85
N ASP B 33 6.51 14.79 19.74
CA ASP B 33 6.99 15.79 20.69
C ASP B 33 8.09 15.18 21.55
N THR B 34 9.28 15.77 21.51
CA THR B 34 10.43 15.23 22.25
C THR B 34 10.18 15.24 23.76
N LYS B 35 9.59 16.31 24.27
CA LYS B 35 9.40 16.45 25.71
C LYS B 35 8.37 15.44 26.22
N THR B 36 7.35 15.13 25.42
CA THR B 36 6.13 14.52 25.93
C THR B 36 5.76 13.19 25.30
N GLY B 37 6.23 12.87 24.09
CA GLY B 37 5.92 11.61 23.44
C GLY B 37 4.72 11.65 22.52
N GLU B 38 3.95 12.74 22.53
CA GLU B 38 2.75 12.83 21.70
C GLU B 38 3.10 12.67 20.22
N VAL B 39 2.39 11.78 19.54
CA VAL B 39 2.57 11.60 18.10
C VAL B 39 2.02 12.81 17.37
N LEU B 40 2.87 13.48 16.60
CA LEU B 40 2.43 14.66 15.86
C LEU B 40 2.11 14.35 14.40
N PHE B 41 2.86 13.44 13.78
CA PHE B 41 2.56 13.00 12.43
C PHE B 41 3.08 11.58 12.29
N GLU B 42 2.53 10.89 11.30
CA GLU B 42 2.72 9.47 11.07
C GLU B 42 2.80 9.22 9.58
N ARG B 43 3.51 8.17 9.19
CA ARG B 43 3.32 7.59 7.86
C ARG B 43 3.05 6.10 8.00
N GLU B 44 2.00 5.63 7.31
CA GLU B 44 1.60 4.24 7.37
C GLU B 44 2.74 3.38 6.83
N PRO B 45 2.72 2.08 7.13
CA PRO B 45 3.77 1.20 6.62
C PRO B 45 3.90 1.28 5.11
N ILE B 46 5.13 1.32 4.62
CA ILE B 46 5.43 1.34 3.19
C ILE B 46 5.88 -0.06 2.82
N PRO B 47 5.25 -0.71 1.82
CA PRO B 47 5.48 -2.15 1.62
C PRO B 47 6.95 -2.54 1.54
N ILE B 48 7.80 -1.77 0.86
CA ILE B 48 9.22 -2.11 0.90
C ILE B 48 10.08 -0.85 0.74
N GLY B 49 11.04 -0.69 1.64
CA GLY B 49 12.05 0.34 1.54
C GLY B 49 13.24 0.00 2.42
N THR B 50 14.12 0.98 2.60
CA THR B 50 15.25 0.80 3.50
C THR B 50 15.12 1.72 4.71
N ASN B 51 15.86 1.36 5.76
CA ASN B 51 15.92 2.15 6.99
C ASN B 51 16.40 3.57 6.69
N ASN B 52 17.42 3.71 5.86
CA ASN B 52 17.94 5.04 5.54
C ASN B 52 16.95 5.87 4.74
N MET B 53 16.15 5.23 3.86
CA MET B 53 15.14 6.00 3.14
C MET B 53 14.05 6.51 4.09
N GLY B 54 13.69 5.70 5.09
CA GLY B 54 12.65 6.12 6.03
C GLY B 54 13.10 7.26 6.92
N GLU B 55 14.36 7.22 7.38
CA GLU B 55 14.89 8.32 8.17
C GLU B 55 15.00 9.57 7.33
N PHE B 56 15.38 9.41 6.06
CA PHE B 56 15.35 10.54 5.13
C PHE B 56 13.95 11.14 5.04
N LEU B 57 12.94 10.31 4.73
CA LEU B 57 11.58 10.84 4.63
C LEU B 57 11.08 11.44 5.94
N ALA B 58 11.41 10.80 7.06
CA ALA B 58 10.91 11.29 8.35
C ALA B 58 11.41 12.70 8.65
N ILE B 59 12.69 12.96 8.38
CA ILE B 59 13.22 14.30 8.60
C ILE B 59 12.50 15.30 7.72
N VAL B 60 12.44 15.03 6.41
CA VAL B 60 11.83 15.97 5.48
C VAL B 60 10.37 16.21 5.86
N HIS B 61 9.66 15.13 6.20
CA HIS B 61 8.27 15.25 6.64
C HIS B 61 8.14 16.23 7.80
N GLY B 62 9.01 16.09 8.80
CA GLY B 62 8.95 17.01 9.94
C GLY B 62 9.31 18.44 9.56
N LEU B 63 10.28 18.61 8.68
CA LEU B 63 10.59 19.92 8.11
C LEU B 63 9.32 20.54 7.54
N ARG B 64 8.63 19.78 6.68
CA ARG B 64 7.36 20.25 6.13
C ARG B 64 6.37 20.56 7.24
N TYR B 65 6.31 19.69 8.25
CA TYR B 65 5.33 19.85 9.31
C TYR B 65 5.57 21.14 10.10
N LEU B 66 6.81 21.35 10.53
CA LEU B 66 7.13 22.54 11.31
C LEU B 66 7.02 23.80 10.48
N LYS B 67 7.34 23.71 9.18
CA LYS B 67 7.27 24.87 8.31
C LYS B 67 5.82 25.35 8.14
N GLU B 68 4.89 24.40 7.96
CA GLU B 68 3.44 24.70 7.96
C GLU B 68 3.02 25.48 9.20
N ARG B 69 3.62 25.18 10.34
CA ARG B 69 3.14 25.71 11.60
C ARG B 69 3.96 26.90 12.06
N ASN B 70 4.85 27.39 11.21
CA ASN B 70 5.69 28.53 11.54
C ASN B 70 6.46 28.29 12.83
N SER B 71 6.91 27.05 13.02
CA SER B 71 7.69 26.70 14.20
C SER B 71 9.17 26.87 13.92
N ARG B 72 9.91 27.36 14.91
CA ARG B 72 11.36 27.36 14.86
C ARG B 72 11.97 26.19 15.65
N LYS B 73 11.15 25.25 16.11
CA LYS B 73 11.66 24.13 16.90
C LYS B 73 12.62 23.27 16.07
N PRO B 74 13.66 22.72 16.67
CA PRO B 74 14.55 21.79 15.96
C PRO B 74 13.94 20.40 15.82
N ILE B 75 14.59 19.58 14.99
CA ILE B 75 14.23 18.17 14.80
C ILE B 75 15.41 17.31 15.23
N TYR B 76 15.11 16.31 16.07
CA TYR B 76 16.07 15.28 16.42
C TYR B 76 15.87 14.07 15.53
N SER B 77 16.96 13.61 14.93
CA SER B 77 17.00 12.37 14.19
C SER B 77 18.10 11.51 14.81
N ASN B 78 17.88 10.20 14.80
CA ASN B 78 18.88 9.26 15.28
C ASN B 78 19.84 8.80 14.19
N SER B 79 19.65 9.25 12.95
CA SER B 79 20.39 8.70 11.80
C SER B 79 21.32 9.77 11.25
N GLN B 80 22.62 9.56 11.39
CA GLN B 80 23.58 10.54 10.87
C GLN B 80 23.63 10.50 9.36
N THR B 81 23.49 9.32 8.75
CA THR B 81 23.36 9.22 7.30
C THR B 81 22.18 10.05 6.80
N ALA B 82 21.02 9.91 7.43
CA ALA B 82 19.88 10.64 6.91
C ALA B 82 20.07 12.13 7.10
N ILE B 83 20.68 12.54 8.21
CA ILE B 83 20.97 13.95 8.40
C ILE B 83 21.85 14.45 7.27
N LYS B 84 22.93 13.71 6.98
CA LYS B 84 23.79 14.09 5.87
C LYS B 84 23.00 14.22 4.57
N TRP B 85 22.20 13.21 4.24
CA TRP B 85 21.42 13.23 3.01
C TRP B 85 20.60 14.51 2.90
N VAL B 86 19.87 14.85 3.97
CA VAL B 86 19.01 16.03 3.93
C VAL B 86 19.84 17.29 3.69
N LYS B 87 20.93 17.44 4.46
CA LYS B 87 21.80 18.61 4.32
C LYS B 87 22.44 18.67 2.93
N ASP B 88 22.82 17.51 2.38
CA ASP B 88 23.26 17.49 1.00
C ASP B 88 22.11 17.74 0.02
N LYS B 89 20.86 17.73 0.49
CA LYS B 89 19.70 17.87 -0.38
C LYS B 89 19.69 16.78 -1.43
N LYS B 90 20.03 15.56 -1.02
CA LYS B 90 20.16 14.44 -1.93
C LYS B 90 20.27 13.11 -1.19
N ALA B 91 19.25 12.26 -1.34
CA ALA B 91 19.37 10.90 -0.84
C ALA B 91 20.35 10.10 -1.69
N LYS B 92 20.91 9.05 -1.11
CA LYS B 92 21.88 8.22 -1.82
C LYS B 92 21.61 6.74 -1.59
N SER B 93 20.34 6.35 -1.70
CA SER B 93 19.98 4.96 -1.54
C SER B 93 20.41 4.14 -2.76
N THR B 94 20.81 2.90 -2.51
CA THR B 94 21.16 1.97 -3.57
C THR B 94 20.07 0.93 -3.81
N LEU B 95 18.86 1.19 -3.31
CA LEU B 95 17.75 0.27 -3.51
C LEU B 95 17.33 0.24 -4.98
N VAL B 96 17.08 -0.98 -5.47
CA VAL B 96 16.58 -1.15 -6.83
C VAL B 96 15.29 -0.38 -6.99
N ARG B 97 15.17 0.33 -8.11
CA ARG B 97 13.90 0.87 -8.56
C ARG B 97 13.22 -0.22 -9.40
N ASN B 98 12.11 -0.74 -8.92
CA ASN B 98 11.30 -1.68 -9.69
C ASN B 98 9.84 -1.39 -9.38
N GLU B 99 8.96 -2.36 -9.69
CA GLU B 99 7.55 -2.20 -9.34
C GLU B 99 7.36 -2.25 -7.84
N GLU B 100 8.10 -3.14 -7.15
CA GLU B 100 7.93 -3.34 -5.72
C GLU B 100 8.33 -2.10 -4.92
N THR B 101 9.34 -1.38 -5.39
CA THR B 101 9.92 -0.25 -4.67
C THR B 101 9.45 1.10 -5.20
N ALA B 102 8.45 1.14 -6.08
CA ALA B 102 8.06 2.39 -6.73
C ALA B 102 7.55 3.39 -5.70
N LEU B 103 6.76 2.94 -4.73
CA LEU B 103 6.19 3.83 -3.72
C LEU B 103 7.28 4.54 -2.94
N ILE B 104 8.14 3.78 -2.26
CA ILE B 104 9.19 4.43 -1.46
C ILE B 104 10.02 5.36 -2.34
N TRP B 105 10.32 4.94 -3.57
CA TRP B 105 11.17 5.76 -4.44
C TRP B 105 10.45 7.02 -4.87
N LYS B 106 9.13 6.93 -5.08
CA LYS B 106 8.36 8.13 -5.36
C LYS B 106 8.48 9.12 -4.21
N LEU B 107 8.26 8.62 -2.99
CA LEU B 107 8.32 9.47 -1.80
C LEU B 107 9.70 10.11 -1.66
N VAL B 108 10.78 9.35 -1.93
CA VAL B 108 12.13 9.91 -1.81
C VAL B 108 12.36 11.02 -2.83
N ASP B 109 12.02 10.77 -4.12
CA ASP B 109 12.14 11.81 -5.14
C ASP B 109 11.34 13.04 -4.77
N GLU B 110 10.18 12.84 -4.12
CA GLU B 110 9.37 13.99 -3.73
C GLU B 110 9.97 14.71 -2.54
N ALA B 111 10.64 13.98 -1.65
CA ALA B 111 11.41 14.61 -0.59
C ALA B 111 12.56 15.43 -1.16
N GLU B 112 13.35 14.84 -2.07
CA GLU B 112 14.44 15.57 -2.70
C GLU B 112 13.94 16.84 -3.38
N GLU B 113 12.89 16.70 -4.20
CA GLU B 113 12.36 17.86 -4.91
C GLU B 113 11.96 18.96 -3.96
N TRP B 114 11.32 18.59 -2.85
CA TRP B 114 10.95 19.61 -1.88
C TRP B 114 12.19 20.32 -1.35
N LEU B 115 13.26 19.56 -1.08
CA LEU B 115 14.47 20.12 -0.49
C LEU B 115 15.17 21.07 -1.46
N ASN B 116 15.07 20.81 -2.76
CA ASN B 116 15.72 21.64 -3.77
C ASN B 116 14.87 22.82 -4.20
N THR B 117 13.66 22.97 -3.66
CA THR B 117 12.81 24.11 -3.96
C THR B 117 12.36 24.83 -2.69
N HIS B 118 13.06 24.62 -1.57
CA HIS B 118 12.64 25.19 -0.30
C HIS B 118 13.84 25.50 0.57
N THR B 119 13.65 26.46 1.47
CA THR B 119 14.58 26.81 2.53
C THR B 119 13.90 26.62 3.86
N TYR B 120 14.69 26.41 4.91
CA TYR B 120 14.07 26.25 6.21
C TYR B 120 15.01 26.76 7.29
N GLU B 121 14.42 27.11 8.44
CA GLU B 121 15.10 27.57 9.63
C GLU B 121 15.51 26.42 10.58
N THR B 122 14.87 25.27 10.47
CA THR B 122 14.92 24.20 11.48
C THR B 122 16.32 23.61 11.66
N PRO B 123 16.94 23.74 12.83
CA PRO B 123 18.16 22.97 13.09
C PRO B 123 17.83 21.49 13.11
N ILE B 124 18.64 20.71 12.41
CA ILE B 124 18.51 19.26 12.36
C ILE B 124 19.59 18.67 13.26
N LEU B 125 19.17 18.10 14.39
CA LEU B 125 20.07 17.67 15.44
C LEU B 125 20.14 16.15 15.49
N LYS B 126 21.27 15.64 15.98
CA LYS B 126 21.48 14.21 16.13
C LYS B 126 21.05 13.77 17.52
N TRP B 127 20.10 12.84 17.58
CA TRP B 127 19.78 12.19 18.84
C TRP B 127 20.95 11.34 19.30
N GLN B 128 21.28 11.41 20.58
CA GLN B 128 22.42 10.70 21.18
C GLN B 128 21.86 9.59 22.06
N THR B 129 21.64 8.43 21.44
CA THR B 129 20.96 7.34 22.14
C THR B 129 21.68 6.95 23.43
N ASP B 130 22.96 6.65 23.36
CA ASP B 130 23.59 6.09 24.56
C ASP B 130 23.77 7.12 25.66
N LYS B 131 23.73 8.41 25.32
CA LYS B 131 23.66 9.46 26.34
C LYS B 131 22.25 9.60 26.92
N TRP B 132 21.20 9.34 26.12
CA TRP B 132 19.84 9.69 26.51
C TRP B 132 18.84 8.55 26.44
N GLY B 133 19.21 7.40 25.88
CA GLY B 133 18.21 6.38 25.63
C GLY B 133 17.46 6.58 24.33
N GLU B 134 16.49 5.70 24.10
CA GLU B 134 15.76 5.59 22.85
C GLU B 134 14.88 6.81 22.60
N ILE B 135 14.43 6.95 21.35
CA ILE B 135 13.36 7.87 21.00
C ILE B 135 12.03 7.15 21.21
N LYS B 136 11.11 7.76 21.95
CA LYS B 136 9.92 7.07 22.45
C LYS B 136 8.63 7.86 22.17
N ALA B 137 7.55 7.12 21.92
CA ALA B 137 6.24 7.69 21.63
C ALA B 137 5.23 7.16 22.63
N ASP B 138 4.60 8.06 23.39
CA ASP B 138 3.61 7.64 24.39
C ASP B 138 2.21 8.08 24.02
N GLU C 8 -18.41 30.13 -12.37
CA GLU C 8 -19.02 28.81 -12.28
C GLU C 8 -17.94 27.74 -12.09
N ILE C 9 -16.88 27.77 -12.91
CA ILE C 9 -15.76 26.84 -12.72
C ILE C 9 -14.95 27.25 -11.49
N ILE C 10 -14.65 26.29 -10.62
CA ILE C 10 -13.78 26.55 -9.47
C ILE C 10 -12.34 26.45 -9.95
N TRP C 11 -11.69 27.60 -10.15
CA TRP C 11 -10.37 27.57 -10.78
C TRP C 11 -9.30 27.05 -9.83
N GLU C 12 -9.46 27.25 -8.52
CA GLU C 12 -8.50 26.78 -7.52
C GLU C 12 -8.76 25.30 -7.25
N SER C 13 -8.26 24.45 -8.13
CA SER C 13 -8.70 23.06 -8.16
C SER C 13 -7.77 22.28 -9.06
N LEU C 14 -7.99 20.97 -9.08
CA LEU C 14 -7.18 20.04 -9.85
C LEU C 14 -8.11 19.26 -10.78
N SER C 15 -7.74 19.19 -12.04
CA SER C 15 -8.55 18.48 -13.01
C SER C 15 -7.81 17.26 -13.48
N VAL C 16 -8.58 16.21 -13.73
CA VAL C 16 -8.10 14.93 -14.21
C VAL C 16 -8.55 14.80 -15.65
N ASP C 17 -7.59 14.52 -16.55
CA ASP C 17 -7.87 14.42 -17.98
C ASP C 17 -7.44 13.06 -18.48
N VAL C 18 -8.39 12.15 -18.71
CA VAL C 18 -8.06 10.79 -19.06
C VAL C 18 -8.44 10.59 -20.52
N GLY C 19 -7.56 9.93 -21.27
CA GLY C 19 -7.85 9.57 -22.64
C GLY C 19 -7.77 8.06 -22.79
N SER C 20 -8.53 7.54 -23.75
CA SER C 20 -8.39 6.14 -24.14
C SER C 20 -8.46 6.03 -25.65
N GLN C 21 -7.55 5.24 -26.23
CA GLN C 21 -7.59 4.91 -27.64
C GLN C 21 -8.50 3.71 -27.82
N GLY C 22 -9.80 3.98 -27.80
CA GLY C 22 -10.76 2.87 -27.76
C GLY C 22 -11.06 2.42 -26.35
N ASN C 23 -12.27 1.90 -26.15
CA ASN C 23 -12.80 1.57 -24.84
C ASN C 23 -13.32 0.14 -24.90
N PRO C 24 -12.50 -0.86 -24.53
CA PRO C 24 -11.16 -0.77 -23.92
C PRO C 24 -10.08 -0.38 -24.91
N GLY C 25 -9.00 0.19 -24.40
CA GLY C 25 -7.85 0.51 -25.23
C GLY C 25 -6.76 1.12 -24.37
N ILE C 26 -5.71 1.57 -25.03
CA ILE C 26 -4.63 2.26 -24.35
C ILE C 26 -5.22 3.41 -23.55
N VAL C 27 -4.84 3.51 -22.28
CA VAL C 27 -5.39 4.54 -21.42
C VAL C 27 -4.22 5.27 -20.79
N GLU C 28 -4.35 6.60 -20.69
CA GLU C 28 -3.38 7.43 -19.99
C GLU C 28 -4.15 8.57 -19.34
N TYR C 29 -3.45 9.32 -18.49
CA TYR C 29 -4.08 10.45 -17.83
C TYR C 29 -3.03 11.38 -17.26
N LYS C 30 -3.44 12.62 -17.09
CA LYS C 30 -2.68 13.66 -16.42
C LYS C 30 -3.59 14.35 -15.41
N GLY C 31 -2.99 14.79 -14.30
CA GLY C 31 -3.62 15.75 -13.41
C GLY C 31 -3.01 17.10 -13.65
N VAL C 32 -3.88 18.12 -13.79
CA VAL C 32 -3.44 19.48 -14.12
C VAL C 32 -4.03 20.48 -13.14
N ASP C 33 -3.31 21.59 -12.94
CA ASP C 33 -3.93 22.80 -12.41
C ASP C 33 -5.04 23.23 -13.36
N THR C 34 -6.24 23.45 -12.83
CA THR C 34 -7.36 23.82 -13.70
C THR C 34 -7.17 25.20 -14.31
N LYS C 35 -6.55 26.13 -13.59
CA LYS C 35 -6.48 27.49 -14.09
C LYS C 35 -5.34 27.67 -15.09
N THR C 36 -4.17 27.13 -14.77
CA THR C 36 -2.97 27.28 -15.60
C THR C 36 -2.83 26.20 -16.66
N GLY C 37 -3.50 25.07 -16.50
CA GLY C 37 -3.21 23.91 -17.32
C GLY C 37 -1.87 23.27 -17.04
N GLU C 38 -1.14 23.70 -16.02
CA GLU C 38 0.12 23.04 -15.71
C GLU C 38 -0.10 21.56 -15.38
N VAL C 39 0.72 20.71 -15.97
CA VAL C 39 0.70 19.30 -15.63
C VAL C 39 1.33 19.11 -14.25
N LEU C 40 0.55 18.55 -13.32
CA LEU C 40 0.94 18.27 -11.94
C LEU C 40 1.40 16.83 -11.75
N PHE C 41 0.76 15.88 -12.43
CA PHE C 41 1.21 14.49 -12.44
C PHE C 41 0.63 13.82 -13.65
N GLU C 42 1.17 12.65 -13.97
CA GLU C 42 0.72 11.91 -15.16
C GLU C 42 1.02 10.44 -14.97
N ARG C 43 0.40 9.63 -15.83
CA ARG C 43 0.59 8.18 -15.88
C ARG C 43 0.90 7.75 -17.30
N GLU C 44 2.01 7.07 -17.49
CA GLU C 44 2.39 6.56 -18.80
C GLU C 44 1.26 5.71 -19.38
N PRO C 45 1.08 5.70 -20.69
CA PRO C 45 0.03 4.88 -21.30
C PRO C 45 0.05 3.44 -20.77
N ILE C 46 -1.14 2.94 -20.49
CA ILE C 46 -1.37 1.56 -20.09
C ILE C 46 -2.00 0.84 -21.27
N PRO C 47 -1.45 -0.28 -21.73
CA PRO C 47 -1.87 -0.82 -23.03
C PRO C 47 -3.34 -1.21 -23.11
N ILE C 48 -3.93 -1.78 -22.06
CA ILE C 48 -5.35 -2.13 -22.10
C ILE C 48 -6.01 -1.61 -20.84
N GLY C 49 -7.04 -0.77 -21.01
CA GLY C 49 -7.81 -0.23 -19.91
C GLY C 49 -9.13 0.26 -20.44
N THR C 50 -10.00 0.68 -19.52
CA THR C 50 -11.25 1.33 -19.88
C THR C 50 -11.22 2.73 -19.33
N ASN C 51 -12.09 3.59 -19.84
CA ASN C 51 -11.98 4.97 -19.39
C ASN C 51 -12.57 5.15 -17.99
N ASN C 52 -13.54 4.31 -17.61
CA ASN C 52 -13.99 4.31 -16.22
C ASN C 52 -12.85 3.89 -15.28
N MET C 53 -12.04 2.90 -15.68
CA MET C 53 -10.89 2.57 -14.84
C MET C 53 -9.89 3.71 -14.78
N GLY C 54 -9.57 4.31 -15.93
CA GLY C 54 -8.62 5.42 -15.94
C GLY C 54 -9.08 6.58 -15.07
N GLU C 55 -10.37 6.88 -15.09
CA GLU C 55 -10.88 7.98 -14.27
C GLU C 55 -10.74 7.65 -12.79
N PHE C 56 -11.21 6.47 -12.39
CA PHE C 56 -11.00 5.97 -11.03
C PHE C 56 -9.54 6.13 -10.59
N LEU C 57 -8.59 5.61 -11.38
CA LEU C 57 -7.17 5.73 -11.01
C LEU C 57 -6.75 7.18 -10.94
N ALA C 58 -7.20 7.97 -11.91
CA ALA C 58 -6.80 9.36 -11.98
C ALA C 58 -7.30 10.12 -10.75
N ILE C 59 -8.54 9.85 -10.35
CA ILE C 59 -9.10 10.50 -9.16
C ILE C 59 -8.25 10.19 -7.94
N VAL C 60 -7.97 8.90 -7.70
CA VAL C 60 -7.27 8.48 -6.49
C VAL C 60 -5.82 8.97 -6.50
N HIS C 61 -5.18 8.90 -7.67
CA HIS C 61 -3.87 9.53 -7.81
C HIS C 61 -3.93 10.98 -7.37
N GLY C 62 -4.98 11.71 -7.77
CA GLY C 62 -5.09 13.10 -7.37
C GLY C 62 -5.34 13.27 -5.88
N LEU C 63 -6.19 12.42 -5.30
CA LEU C 63 -6.39 12.40 -3.86
C LEU C 63 -5.07 12.24 -3.10
N ARG C 64 -4.20 11.35 -3.57
CA ARG C 64 -2.93 11.12 -2.90
C ARG C 64 -2.01 12.32 -3.06
N TYR C 65 -1.87 12.81 -4.30
CA TYR C 65 -1.14 14.03 -4.59
C TYR C 65 -1.55 15.17 -3.66
N LEU C 66 -2.86 15.36 -3.48
CA LEU C 66 -3.32 16.48 -2.68
C LEU C 66 -3.10 16.22 -1.20
N LYS C 67 -3.30 14.96 -0.77
CA LYS C 67 -3.02 14.62 0.62
C LYS C 67 -1.56 14.86 0.97
N GLU C 68 -0.63 14.44 0.09
CA GLU C 68 0.79 14.61 0.38
C GLU C 68 1.14 16.08 0.54
N ARG C 69 0.40 16.97 -0.14
CA ARG C 69 0.69 18.39 -0.16
C ARG C 69 -0.24 19.18 0.73
N ASN C 70 -1.08 18.50 1.51
CA ASN C 70 -1.97 19.16 2.45
C ASN C 70 -2.79 20.26 1.77
N SER C 71 -3.34 19.94 0.60
CA SER C 71 -4.20 20.85 -0.13
C SER C 71 -5.67 20.49 0.10
N ARG C 72 -6.52 21.52 0.17
CA ARG C 72 -7.98 21.34 0.22
C ARG C 72 -8.64 21.55 -1.13
N LYS C 73 -7.86 21.82 -2.17
CA LYS C 73 -8.41 22.01 -3.50
C LYS C 73 -9.27 20.82 -3.90
N PRO C 74 -10.39 21.04 -4.58
CA PRO C 74 -11.21 19.92 -5.05
C PRO C 74 -10.66 19.35 -6.33
N ILE C 75 -11.18 18.19 -6.70
CA ILE C 75 -10.81 17.49 -7.91
C ILE C 75 -12.00 17.53 -8.87
N TYR C 76 -11.74 17.87 -10.13
CA TYR C 76 -12.72 17.77 -11.19
C TYR C 76 -12.49 16.49 -11.97
N SER C 77 -13.51 15.64 -12.04
CA SER C 77 -13.53 14.47 -12.91
C SER C 77 -14.70 14.62 -13.87
N ASN C 78 -14.65 13.97 -15.02
CA ASN C 78 -15.89 13.95 -15.78
C ASN C 78 -16.32 12.51 -16.08
N SER C 79 -16.26 11.66 -15.05
CA SER C 79 -16.85 10.34 -15.10
C SER C 79 -17.64 10.12 -13.81
N GLN C 80 -18.96 10.33 -13.90
CA GLN C 80 -19.84 10.11 -12.75
C GLN C 80 -19.71 8.70 -12.20
N THR C 81 -19.53 7.71 -13.06
CA THR C 81 -19.35 6.35 -12.56
C THR C 81 -18.08 6.22 -11.71
N ALA C 82 -16.98 6.85 -12.14
CA ALA C 82 -15.75 6.70 -11.36
C ALA C 82 -15.85 7.47 -10.05
N ILE C 83 -16.59 8.57 -10.02
CA ILE C 83 -16.81 9.24 -8.75
C ILE C 83 -17.57 8.32 -7.78
N LYS C 84 -18.60 7.62 -8.28
CA LYS C 84 -19.34 6.68 -7.44
C LYS C 84 -18.43 5.56 -6.95
N TRP C 85 -17.65 4.98 -7.87
CA TRP C 85 -16.70 3.94 -7.50
C TRP C 85 -15.75 4.42 -6.41
N VAL C 86 -15.26 5.66 -6.52
CA VAL C 86 -14.38 6.18 -5.49
C VAL C 86 -15.14 6.32 -4.17
N LYS C 87 -16.35 6.89 -4.23
CA LYS C 87 -17.15 7.10 -3.04
C LYS C 87 -17.47 5.78 -2.37
N ASP C 88 -17.72 4.73 -3.15
CA ASP C 88 -17.98 3.42 -2.59
C ASP C 88 -16.69 2.69 -2.22
N LYS C 89 -15.51 3.29 -2.46
CA LYS C 89 -14.23 2.62 -2.23
C LYS C 89 -14.17 1.25 -2.93
N LYS C 90 -14.83 1.14 -4.09
CA LYS C 90 -14.86 -0.12 -4.82
C LYS C 90 -15.17 0.15 -6.29
N ALA C 91 -14.26 -0.26 -7.16
CA ALA C 91 -14.45 -0.18 -8.59
C ALA C 91 -15.27 -1.35 -9.09
N LYS C 92 -16.04 -1.12 -10.16
CA LYS C 92 -16.96 -2.13 -10.64
C LYS C 92 -16.77 -2.40 -12.11
N SER C 93 -15.51 -2.50 -12.52
CA SER C 93 -15.20 -2.71 -13.93
C SER C 93 -15.57 -4.13 -14.35
N THR C 94 -16.13 -4.25 -15.55
CA THR C 94 -16.39 -5.57 -16.14
C THR C 94 -15.21 -6.07 -16.95
N LEU C 95 -14.10 -5.33 -16.98
CA LEU C 95 -12.98 -5.71 -17.83
C LEU C 95 -12.41 -7.03 -17.37
N VAL C 96 -12.29 -7.97 -18.31
CA VAL C 96 -11.68 -9.26 -18.04
C VAL C 96 -10.29 -9.04 -17.43
N ARG C 97 -9.92 -9.91 -16.49
CA ARG C 97 -8.63 -9.84 -15.81
C ARG C 97 -7.77 -11.01 -16.30
N ASN C 98 -6.70 -10.70 -17.01
CA ASN C 98 -5.75 -11.71 -17.43
C ASN C 98 -4.38 -11.07 -17.51
N GLU C 99 -3.49 -11.65 -18.30
CA GLU C 99 -2.14 -11.13 -18.44
C GLU C 99 -2.13 -9.83 -19.22
N GLU C 100 -2.99 -9.74 -20.24
CA GLU C 100 -3.03 -8.53 -21.05
C GLU C 100 -3.54 -7.34 -20.25
N THR C 101 -4.41 -7.57 -19.27
CA THR C 101 -4.94 -6.48 -18.45
C THR C 101 -4.30 -6.44 -17.06
N ALA C 102 -3.18 -7.12 -16.85
CA ALA C 102 -2.67 -7.27 -15.48
C ALA C 102 -2.33 -5.91 -14.87
N LEU C 103 -1.83 -4.98 -15.68
CA LEU C 103 -1.34 -3.72 -15.13
C LEU C 103 -2.50 -2.83 -14.66
N ILE C 104 -3.54 -2.68 -15.47
CA ILE C 104 -4.65 -1.82 -15.08
C ILE C 104 -5.34 -2.39 -13.84
N TRP C 105 -5.44 -3.72 -13.76
CA TRP C 105 -6.09 -4.32 -12.61
C TRP C 105 -5.24 -4.17 -11.35
N LYS C 106 -3.93 -4.41 -11.48
CA LYS C 106 -3.02 -4.18 -10.36
C LYS C 106 -3.11 -2.75 -9.85
N LEU C 107 -3.10 -1.78 -10.77
CA LEU C 107 -3.26 -0.39 -10.35
C LEU C 107 -4.64 -0.15 -9.71
N VAL C 108 -5.69 -0.75 -10.24
CA VAL C 108 -7.02 -0.60 -9.64
C VAL C 108 -7.05 -1.24 -8.24
N ASP C 109 -6.42 -2.40 -8.08
CA ASP C 109 -6.29 -2.99 -6.74
C ASP C 109 -5.63 -2.01 -5.78
N GLU C 110 -4.50 -1.43 -6.19
CA GLU C 110 -3.74 -0.54 -5.32
C GLU C 110 -4.55 0.68 -4.94
N ALA C 111 -5.26 1.27 -5.91
CA ALA C 111 -6.12 2.43 -5.65
C ALA C 111 -7.20 2.10 -4.64
N GLU C 112 -7.91 0.97 -4.83
CA GLU C 112 -8.90 0.53 -3.86
C GLU C 112 -8.28 0.38 -2.47
N GLU C 113 -7.15 -0.32 -2.38
CA GLU C 113 -6.47 -0.48 -1.10
C GLU C 113 -6.20 0.86 -0.44
N TRP C 114 -5.67 1.84 -1.19
CA TRP C 114 -5.45 3.17 -0.62
C TRP C 114 -6.74 3.77 -0.09
N LEU C 115 -7.84 3.63 -0.86
CA LEU C 115 -9.11 4.22 -0.45
C LEU C 115 -9.65 3.56 0.82
N ASN C 116 -9.45 2.26 0.96
CA ASN C 116 -9.95 1.63 2.15
C ASN C 116 -9.02 1.76 3.34
N THR C 117 -7.85 2.40 3.20
CA THR C 117 -6.97 2.62 4.35
C THR C 117 -6.69 4.10 4.63
N HIS C 118 -7.42 5.04 4.05
CA HIS C 118 -7.13 6.44 4.30
C HIS C 118 -8.41 7.22 4.46
N THR C 119 -8.29 8.42 5.05
CA THR C 119 -9.33 9.44 5.01
C THR C 119 -8.79 10.70 4.33
N TYR C 120 -9.68 11.48 3.73
CA TYR C 120 -9.30 12.67 2.97
C TYR C 120 -10.40 13.71 3.03
N GLU C 121 -10.00 14.96 2.77
CA GLU C 121 -10.88 16.12 2.79
C GLU C 121 -11.34 16.56 1.41
N THR C 122 -10.74 16.04 0.35
CA THR C 122 -10.88 16.62 -0.98
C THR C 122 -12.31 16.48 -1.50
N PRO C 123 -12.95 17.58 -1.91
CA PRO C 123 -14.22 17.45 -2.65
C PRO C 123 -13.95 16.89 -4.03
N ILE C 124 -14.87 16.05 -4.51
CA ILE C 124 -14.72 15.38 -5.81
C ILE C 124 -15.91 15.76 -6.66
N LEU C 125 -15.67 16.61 -7.66
CA LEU C 125 -16.69 17.29 -8.44
C LEU C 125 -16.74 16.73 -9.85
N LYS C 126 -17.93 16.79 -10.45
CA LYS C 126 -18.15 16.43 -11.84
C LYS C 126 -17.98 17.66 -12.73
N TRP C 127 -17.11 17.53 -13.74
CA TRP C 127 -16.89 18.58 -14.71
C TRP C 127 -18.12 18.75 -15.60
N GLN C 128 -18.63 19.97 -15.69
CA GLN C 128 -19.83 20.25 -16.47
C GLN C 128 -19.47 20.46 -17.93
N THR C 129 -19.11 19.34 -18.59
CA THR C 129 -18.67 19.43 -19.98
C THR C 129 -19.69 20.15 -20.85
N ASP C 130 -20.98 19.96 -20.54
CA ASP C 130 -22.04 20.62 -21.30
C ASP C 130 -21.90 22.14 -21.27
N LYS C 131 -21.63 22.71 -20.10
CA LYS C 131 -21.57 24.17 -19.93
C LYS C 131 -20.22 24.79 -20.24
N TRP C 132 -19.11 24.04 -20.15
CA TRP C 132 -17.79 24.65 -20.13
C TRP C 132 -16.81 24.15 -21.18
N GLY C 133 -17.09 23.05 -21.87
CA GLY C 133 -16.12 22.48 -22.78
C GLY C 133 -15.21 21.46 -22.10
N GLU C 134 -14.25 20.95 -22.89
CA GLU C 134 -13.28 19.95 -22.44
C GLU C 134 -12.21 20.63 -21.56
N ILE C 135 -11.37 19.80 -20.95
CA ILE C 135 -10.32 20.28 -20.06
C ILE C 135 -8.94 20.12 -20.70
P 6OG D 4 40.65 6.12 -11.49
OP1 6OG D 4 40.08 5.06 -12.40
OP2 6OG D 4 39.86 6.63 -10.31
O5' 6OG D 4 42.05 5.53 -10.96
N9 6OG D 4 44.11 4.90 -7.89
C4 6OG D 4 45.16 5.19 -7.12
N3 6OG D 4 46.34 4.60 -6.90
C2 6OG D 4 47.23 5.12 -6.00
N2 6OG D 4 48.39 4.46 -5.83
N1 6OG D 4 46.99 6.24 -5.30
C6 6OG D 4 45.83 6.93 -5.44
O6 6OG D 4 45.64 8.07 -4.71
C5 6OG D 4 44.82 6.43 -6.40
N7 6OG D 4 43.59 6.80 -6.82
C8 6OG D 4 43.19 5.87 -7.74
C2' 6OG D 4 42.75 3.10 -9.10
C5' 6OG D 4 43.00 4.99 -11.87
C4' 6OG D 4 43.75 3.87 -11.18
O4' 6OG D 4 44.53 4.33 -10.08
C1' 6OG D 4 44.11 3.74 -8.84
C3' 6OG D 4 42.77 2.86 -10.61
O3' 6OG D 4 43.35 1.61 -10.97
C 6OG D 4 46.81 8.71 -4.18
C1 OWR D 9 34.05 3.05 5.06
C1' OWR D 9 36.49 3.05 9.54
C10 OWR D 9 33.52 5.30 5.68
C11 OWR D 9 32.81 5.48 4.49
C12 OWR D 9 32.71 4.43 3.58
C13 OWR D 9 33.35 3.21 3.86
C2 OWR D 9 34.14 4.08 5.96
C2' OWR D 9 35.71 2.57 10.77
C3 OWR D 9 34.87 3.89 7.14
C3' OWR D 9 36.74 2.71 11.90
C4 OWR D 9 35.46 2.70 7.37
C4' OWR D 9 38.03 3.19 11.24
C5 OWR D 9 35.36 1.70 6.48
C5' OWR D 9 39.23 2.44 11.81
C6 OWR D 9 34.68 1.85 5.35
C8 OWR D 9 36.56 1.01 8.17
N7 OWR D 9 36.06 0.66 6.98
N9 OWR D 9 36.18 2.26 8.39
O3' OWR D 9 36.32 3.67 12.89
O4' OWR D 9 37.87 2.89 9.85
O5' OWR D 9 38.94 1.04 11.80
OP2 OWR D 9 39.70 -1.42 12.03
P OWR D 9 40.16 0.02 12.11
OP1 OWR D 9 40.82 0.38 13.42
P 6OG E 4 26.21 7.06 1.93
OP1 6OG E 4 25.64 8.34 1.38
OP2 6OG E 4 27.34 6.36 1.25
O5' 6OG E 4 26.63 7.44 3.41
N9 6OG E 4 29.49 4.48 6.19
C4 6OG E 4 30.26 3.60 6.83
N3 6OG E 4 30.84 3.61 8.05
C2 6OG E 4 31.59 2.54 8.46
N2 6OG E 4 32.16 2.58 9.67
N1 6OG E 4 31.78 1.44 7.69
C6 6OG E 4 31.25 1.33 6.45
O6 6OG E 4 31.46 0.21 5.71
C5 6OG E 4 30.42 2.45 5.95
N7 6OG E 4 29.73 2.73 4.82
C8 6OG E 4 29.18 3.95 4.99
C2' 6OG E 4 29.98 6.93 6.31
C5' 6OG E 4 27.38 6.54 4.16
C4' 6OG E 4 27.72 7.19 5.48
O4' 6OG E 4 27.74 6.09 6.38
C1' 6OG E 4 29.08 5.78 6.77
C3' 6OG E 4 29.11 7.77 5.38
O3' 6OG E 4 29.15 9.15 5.72
C 6OG E 4 32.15 -0.88 6.34
C1 OWR E 9 47.01 9.12 -8.17
C1' OWR E 9 51.30 10.38 -5.77
C10 OWR E 9 48.47 7.42 -9.06
C11 OWR E 9 47.42 6.92 -9.81
C12 OWR E 9 46.16 7.51 -9.74
C13 OWR E 9 45.94 8.60 -8.91
C2 OWR E 9 48.26 8.53 -8.24
C2' OWR E 9 52.17 11.49 -5.26
C3 OWR E 9 49.29 9.05 -7.49
C3' OWR E 9 53.34 10.72 -4.71
C4 OWR E 9 49.06 10.11 -6.70
C4' OWR E 9 52.80 9.36 -4.28
C5 OWR E 9 47.87 10.69 -6.63
C5' OWR E 9 52.65 9.30 -2.77
C6 OWR E 9 46.82 10.21 -7.33
C8 OWR E 9 49.22 11.76 -5.32
N7 OWR E 9 47.97 11.70 -5.77
N9 OWR E 9 49.89 10.78 -5.92
O3' OWR E 9 54.18 10.47 -5.81
O4' OWR E 9 51.51 9.28 -4.84
O5' OWR E 9 51.73 10.31 -2.37
OP2 OWR E 9 51.08 12.23 -0.73
P OWR E 9 51.90 10.96 -0.93
OP1 OWR E 9 53.36 11.17 -0.64
C1 GOL F . 8.36 -20.81 -0.17
O1 GOL F . 7.72 -19.62 0.19
C2 GOL F . 8.27 -20.83 -1.68
O2 GOL F . 9.51 -20.89 -2.32
C3 GOL F . 7.22 -21.97 -2.01
O3 GOL F . 7.76 -23.19 -1.56
C1 GOL G . -4.25 -12.12 -14.20
O1 GOL G . -3.57 -13.21 -14.74
C2 GOL G . -3.35 -11.56 -13.08
O2 GOL G . -2.03 -11.40 -13.51
C3 GOL G . -4.03 -10.23 -12.65
O3 GOL G . -3.14 -9.53 -11.80
C1 EDO H . -11.68 -19.52 -0.05
O1 EDO H . -12.92 -19.05 -0.61
C2 EDO H . -11.94 -20.68 0.91
O2 EDO H . -12.83 -21.58 0.24
C1 GOL I . 2.59 16.04 5.04
O1 GOL I . 3.20 15.43 3.92
C2 GOL I . 3.28 17.41 5.22
O2 GOL I . 3.44 18.07 4.02
C3 GOL I . 2.37 18.17 6.18
O3 GOL I . 2.67 17.74 7.45
C ACT J . 2.26 11.24 -4.71
O ACT J . 2.55 11.31 -5.93
OXT ACT J . 2.05 10.21 -3.96
CH3 ACT J . 2.14 12.57 -3.99
C1 EDO K . 7.56 13.53 3.33
O1 EDO K . 8.32 14.45 2.54
C2 EDO K . 6.11 14.04 3.34
O2 EDO K . 6.09 15.43 3.72
C1 GOL L . -6.53 14.46 0.56
O1 GOL L . -7.18 14.37 -0.68
C2 GOL L . -7.29 15.49 1.43
O2 GOL L . -6.56 15.86 2.54
C ACT M . 0.20 7.73 -0.28
O ACT M . 0.57 6.53 -0.24
OXT ACT M . 0.36 8.58 -1.22
CH3 ACT M . -0.54 8.25 1.02
C1 EDO N . -8.27 -4.21 -3.34
O1 EDO N . -8.55 -5.02 -4.48
C2 EDO N . -8.24 -5.04 -2.06
O2 EDO N . -6.94 -5.62 -1.92
NA NA O . -10.36 14.24 -22.08
K K P . -13.10 10.13 3.73
K K Q . 23.46 4.67 10.10
#